data_1N1I
#
_entry.id   1N1I
#
_cell.length_a   33.880
_cell.length_b   106.460
_cell.length_c   62.690
_cell.angle_alpha   90.00
_cell.angle_beta   102.05
_cell.angle_gamma   90.00
#
_symmetry.space_group_name_H-M   'P 1 21 1'
#
loop_
_entity.id
_entity.type
_entity.pdbx_description
1 polymer 'Merozoite surface protein-1'
2 non-polymer IMIDAZOLE
3 non-polymer HISTIDINE
4 water water
#
_entity_poly.entity_id   1
_entity_poly.type   'polypeptide(L)'
_entity_poly.pdbx_seq_one_letter_code
;EAEASNMSSAHKCIDTNVPENAACYRYLDGTEEWRCLLGFKEVGGKCVPASITCEENNGGCAPEAECTMDDKKEVECKCT
KEGSEPLFEGVFCSSSSGPHHHHHH
;
_entity_poly.pdbx_strand_id   A,B,C,D
#
loop_
_chem_comp.id
_chem_comp.type
_chem_comp.name
_chem_comp.formula
IMD non-polymer IMIDAZOLE 'C3 H5 N2 1'
#
# COMPACT_ATOMS: atom_id res chain seq x y z
N SER A 8 5.58 15.85 20.95
CA SER A 8 4.98 17.00 21.67
C SER A 8 4.85 16.73 23.17
N SER A 9 4.47 17.77 23.91
CA SER A 9 4.27 17.68 25.34
C SER A 9 2.83 17.28 25.61
N ALA A 10 2.00 17.40 24.57
CA ALA A 10 0.59 17.05 24.69
C ALA A 10 0.49 15.56 25.02
N HIS A 11 1.57 14.83 24.76
CA HIS A 11 1.59 13.39 25.03
C HIS A 11 2.20 13.00 26.37
N LYS A 12 2.62 14.00 27.15
CA LYS A 12 3.21 13.72 28.44
C LYS A 12 2.12 13.52 29.51
N CYS A 13 2.17 12.41 30.24
CA CYS A 13 1.17 12.14 31.27
C CYS A 13 1.17 13.21 32.34
N ILE A 14 -0.02 13.51 32.87
CA ILE A 14 -0.15 14.54 33.90
C ILE A 14 -1.05 14.15 35.05
N ASP A 15 -1.74 13.02 34.95
CA ASP A 15 -2.66 12.65 36.01
C ASP A 15 -2.62 11.17 36.35
N THR A 16 -1.43 10.61 36.28
CA THR A 16 -1.23 9.20 36.54
C THR A 16 0.02 8.99 37.38
N ASN A 17 -0.08 8.13 38.38
CA ASN A 17 1.09 7.82 39.20
C ASN A 17 1.82 6.74 38.42
N VAL A 18 2.95 7.12 37.83
CA VAL A 18 3.71 6.20 37.01
C VAL A 18 4.66 5.32 37.79
N PRO A 19 4.47 4.00 37.71
CA PRO A 19 5.36 3.09 38.44
C PRO A 19 6.80 3.28 38.03
N GLU A 20 7.66 2.89 38.95
CA GLU A 20 9.10 2.92 38.67
C GLU A 20 9.44 1.99 37.50
N ASN A 21 10.35 2.36 36.69
CA ASN A 21 10.72 1.56 35.51
C ASN A 21 9.54 1.30 34.56
N ALA A 22 8.83 2.38 34.24
CA ALA A 22 7.69 2.32 33.34
C ALA A 22 7.64 3.61 32.55
N ALA A 23 6.94 3.55 31.43
CA ALA A 23 6.78 4.70 30.56
C ALA A 23 5.31 4.97 30.58
N CYS A 24 4.93 6.21 30.33
CA CYS A 24 3.53 6.61 30.30
C CYS A 24 3.28 7.47 29.08
N TYR A 25 2.18 7.21 28.40
CA TYR A 25 1.82 7.96 27.20
C TYR A 25 0.41 8.56 27.38
N ARG A 26 0.28 9.84 27.05
CA ARG A 26 -1.01 10.51 27.14
C ARG A 26 -1.54 10.68 25.74
N TYR A 27 -2.70 10.09 25.48
CA TYR A 27 -3.34 10.19 24.17
C TYR A 27 -4.10 11.52 24.10
N LEU A 28 -4.29 12.04 22.89
CA LEU A 28 -5.00 13.31 22.71
C LEU A 28 -6.40 13.32 23.33
N ASP A 29 -7.08 12.17 23.39
CA ASP A 29 -8.41 12.15 23.98
C ASP A 29 -8.34 12.23 25.50
N GLY A 30 -7.14 12.40 26.04
CA GLY A 30 -6.98 12.52 27.49
C GLY A 30 -6.61 11.24 28.22
N THR A 31 -6.68 10.12 27.52
CA THR A 31 -6.36 8.83 28.10
C THR A 31 -4.87 8.75 28.42
N GLU A 32 -4.53 8.12 29.55
CA GLU A 32 -3.14 7.96 29.92
C GLU A 32 -2.92 6.50 30.21
N GLU A 33 -1.89 5.93 29.60
CA GLU A 33 -1.57 4.54 29.81
C GLU A 33 -0.08 4.39 30.10
N TRP A 34 0.26 3.52 31.05
CA TRP A 34 1.66 3.29 31.33
C TRP A 34 1.97 1.85 30.99
N ARG A 35 3.24 1.58 30.70
CA ARG A 35 3.72 0.24 30.35
C ARG A 35 5.14 0.16 30.87
N CYS A 36 5.58 -1.04 31.19
CA CYS A 36 6.94 -1.21 31.70
C CYS A 36 7.98 -0.96 30.61
N LEU A 37 9.13 -0.44 30.98
CA LEU A 37 10.21 -0.19 30.01
C LEU A 37 10.84 -1.52 29.59
N LEU A 38 11.55 -1.51 28.47
CA LEU A 38 12.19 -2.74 28.00
C LEU A 38 13.08 -3.29 29.11
N GLY A 39 12.94 -4.59 29.37
CA GLY A 39 13.75 -5.20 30.40
C GLY A 39 13.01 -5.39 31.70
N PHE A 40 11.78 -4.87 31.79
CA PHE A 40 11.03 -5.05 33.01
C PHE A 40 9.67 -5.71 32.78
N LYS A 41 9.19 -6.48 33.74
CA LYS A 41 7.91 -7.14 33.59
C LYS A 41 6.95 -6.65 34.68
N GLU A 42 5.68 -6.51 34.32
CA GLU A 42 4.68 -6.04 35.28
C GLU A 42 4.32 -7.18 36.24
N VAL A 43 4.58 -6.96 37.52
CA VAL A 43 4.28 -7.94 38.56
C VAL A 43 3.69 -7.25 39.78
N GLY A 44 2.39 -7.45 40.01
CA GLY A 44 1.75 -6.82 41.16
C GLY A 44 1.82 -5.30 41.05
N GLY A 45 1.33 -4.76 39.94
CA GLY A 45 1.33 -3.32 39.75
C GLY A 45 2.69 -2.66 39.73
N LYS A 46 3.76 -3.46 39.63
CA LYS A 46 5.10 -2.89 39.58
C LYS A 46 5.92 -3.45 38.45
N CYS A 47 6.90 -2.67 37.99
CA CYS A 47 7.75 -3.12 36.91
C CYS A 47 9.06 -3.59 37.48
N VAL A 48 9.25 -4.91 37.49
CA VAL A 48 10.46 -5.49 38.03
C VAL A 48 11.36 -6.04 36.93
N PRO A 49 12.65 -6.20 37.25
CA PRO A 49 13.60 -6.73 36.25
C PRO A 49 13.23 -8.13 35.81
N ALA A 50 13.50 -8.40 34.53
CA ALA A 50 13.19 -9.71 33.99
C ALA A 50 14.01 -10.03 32.75
N SER A 51 13.96 -11.31 32.41
CA SER A 51 14.65 -11.85 31.27
C SER A 51 13.53 -11.93 30.25
N ILE A 52 13.62 -11.07 29.24
CA ILE A 52 12.62 -10.98 28.18
C ILE A 52 12.83 -11.93 27.00
N THR A 53 11.72 -12.22 26.34
CA THR A 53 11.71 -13.07 25.18
C THR A 53 10.62 -12.60 24.24
N CYS A 54 10.99 -12.29 23.00
CA CYS A 54 10.02 -11.84 22.02
C CYS A 54 8.78 -12.74 21.98
N GLU A 55 8.89 -13.95 22.51
CA GLU A 55 7.75 -14.88 22.50
C GLU A 55 6.68 -14.67 23.57
N GLU A 56 6.91 -13.74 24.49
CA GLU A 56 5.93 -13.43 25.53
C GLU A 56 5.69 -11.91 25.53
N ASN A 57 4.42 -11.50 25.49
CA ASN A 57 4.07 -10.09 25.47
C ASN A 57 4.92 -9.33 24.45
N ASN A 58 5.17 -9.97 23.32
CA ASN A 58 5.95 -9.39 22.23
C ASN A 58 7.24 -8.71 22.70
N GLY A 59 7.93 -9.37 23.63
CA GLY A 59 9.20 -8.86 24.12
C GLY A 59 9.10 -7.56 24.85
N GLY A 60 7.88 -7.10 25.10
CA GLY A 60 7.69 -5.83 25.80
C GLY A 60 7.47 -4.70 24.83
N CYS A 61 7.58 -5.02 23.54
CA CYS A 61 7.38 -4.03 22.49
C CYS A 61 5.89 -3.76 22.36
N ALA A 62 5.54 -2.60 21.82
CA ALA A 62 4.14 -2.25 21.60
C ALA A 62 3.48 -3.37 20.83
N PRO A 63 2.17 -3.57 21.01
CA PRO A 63 1.43 -4.63 20.32
C PRO A 63 1.56 -4.50 18.82
N GLU A 64 1.67 -3.25 18.36
CA GLU A 64 1.77 -2.97 16.94
C GLU A 64 3.18 -2.96 16.39
N ALA A 65 4.17 -3.28 17.22
CA ALA A 65 5.56 -3.30 16.77
C ALA A 65 6.12 -4.71 16.50
N GLU A 66 7.27 -4.76 15.85
CA GLU A 66 7.94 -6.02 15.54
C GLU A 66 9.09 -6.20 16.52
N CYS A 67 9.17 -7.38 17.12
CA CYS A 67 10.20 -7.70 18.10
C CYS A 67 11.29 -8.56 17.47
N THR A 68 12.54 -8.25 17.79
CA THR A 68 13.61 -9.02 17.20
C THR A 68 14.80 -8.95 18.09
N MET A 69 15.84 -9.66 17.65
CA MET A 69 17.13 -9.78 18.30
C MET A 69 18.20 -9.36 17.28
N ASP A 70 19.01 -8.41 17.70
CA ASP A 70 20.08 -7.89 16.86
C ASP A 70 21.43 -8.53 17.17
N ASP A 71 22.48 -7.94 16.62
CA ASP A 71 23.85 -8.41 16.79
C ASP A 71 24.28 -8.30 18.25
N LYS A 72 23.83 -7.23 18.92
CA LYS A 72 24.16 -7.01 20.32
C LYS A 72 23.39 -7.97 21.24
N LYS A 73 22.72 -8.96 20.65
CA LYS A 73 21.93 -9.95 21.39
C LYS A 73 20.95 -9.27 22.33
N GLU A 74 20.37 -8.17 21.88
CA GLU A 74 19.44 -7.41 22.70
C GLU A 74 18.10 -7.33 21.97
N VAL A 75 17.03 -6.97 22.68
CA VAL A 75 15.71 -6.82 22.06
C VAL A 75 15.56 -5.46 21.40
N GLU A 76 14.99 -5.48 20.20
CA GLU A 76 14.76 -4.28 19.41
C GLU A 76 13.30 -4.24 18.97
N CYS A 77 12.69 -3.08 19.16
CA CYS A 77 11.30 -2.91 18.75
C CYS A 77 11.29 -1.93 17.60
N LYS A 78 10.50 -2.25 16.58
CA LYS A 78 10.37 -1.38 15.43
C LYS A 78 8.91 -1.22 15.02
N CYS A 79 8.50 0.02 14.81
CA CYS A 79 7.14 0.28 14.38
C CYS A 79 7.17 0.30 12.84
N THR A 80 6.98 -0.87 12.24
CA THR A 80 7.03 -1.02 10.79
C THR A 80 6.11 -0.12 9.99
N LYS A 81 5.00 0.31 10.58
CA LYS A 81 4.07 1.16 9.84
C LYS A 81 4.79 2.44 9.40
N GLU A 82 4.58 2.84 8.16
CA GLU A 82 5.21 4.04 7.65
C GLU A 82 4.46 5.24 8.20
N GLY A 83 5.11 5.96 9.11
CA GLY A 83 4.49 7.13 9.68
C GLY A 83 4.50 7.11 11.20
N SER A 84 4.59 5.92 11.79
CA SER A 84 4.61 5.80 13.24
C SER A 84 6.04 5.55 13.68
N GLU A 85 6.42 6.13 14.82
CA GLU A 85 7.77 5.98 15.34
C GLU A 85 7.79 5.32 16.72
N PRO A 86 8.93 4.75 17.11
CA PRO A 86 9.06 4.09 18.42
C PRO A 86 9.38 5.01 19.59
N LEU A 87 8.46 5.11 20.54
CA LEU A 87 8.65 5.92 21.74
C LEU A 87 9.14 5.02 22.87
N PHE A 88 10.01 5.54 23.73
CA PHE A 88 10.54 4.74 24.82
C PHE A 88 11.07 3.41 24.26
N GLU A 89 11.98 3.53 23.30
CA GLU A 89 12.60 2.40 22.65
C GLU A 89 11.62 1.43 22.01
N GLY A 90 10.42 1.92 21.71
CA GLY A 90 9.42 1.08 21.08
C GLY A 90 8.39 0.47 22.02
N VAL A 91 8.40 0.86 23.29
CA VAL A 91 7.41 0.32 24.21
C VAL A 91 6.06 0.87 23.72
N PHE A 92 6.14 2.01 23.04
CA PHE A 92 4.98 2.68 22.46
C PHE A 92 5.25 3.02 20.99
N CYS A 93 4.24 2.91 20.14
CA CYS A 93 4.42 3.27 18.74
C CYS A 93 3.52 4.48 18.47
N SER A 94 4.16 5.60 18.08
CA SER A 94 3.48 6.86 17.73
C SER A 94 2.37 6.52 16.76
N SER A 95 1.41 7.42 16.59
CA SER A 95 0.34 7.14 15.64
C SER A 95 0.64 7.95 14.39
N SER A 96 0.22 7.42 13.24
CA SER A 96 0.46 8.09 11.97
C SER A 96 -0.82 8.44 11.20
N SER A 97 -0.71 9.50 10.41
CA SER A 97 -1.79 10.02 9.57
C SER A 97 -2.20 9.04 8.46
N GLY A 98 -3.44 9.20 8.00
CA GLY A 98 -3.97 8.35 6.94
C GLY A 98 -4.19 9.18 5.70
N SER B 8 12.30 -2.81 -6.33
CA SER B 8 13.75 -2.97 -6.66
C SER B 8 13.94 -3.85 -7.90
N SER B 9 12.91 -3.88 -8.74
CA SER B 9 12.96 -4.67 -9.96
C SER B 9 14.09 -4.17 -10.85
N ALA B 10 14.55 -5.02 -11.76
CA ALA B 10 15.64 -4.67 -12.66
C ALA B 10 15.16 -3.80 -13.83
N HIS B 11 13.88 -3.90 -14.17
CA HIS B 11 13.33 -3.13 -15.28
C HIS B 11 12.62 -1.85 -14.85
N LYS B 12 12.72 -1.50 -13.57
CA LYS B 12 12.09 -0.27 -13.09
C LYS B 12 13.02 0.92 -13.24
N CYS B 13 12.56 1.98 -13.89
CA CYS B 13 13.38 3.17 -14.08
C CYS B 13 13.68 3.86 -12.77
N ILE B 14 14.84 4.53 -12.70
CA ILE B 14 15.22 5.23 -11.48
C ILE B 14 16.00 6.52 -11.71
N ASP B 15 16.37 6.79 -12.95
CA ASP B 15 17.14 8.00 -13.22
C ASP B 15 16.46 8.81 -14.33
N THR B 16 15.14 8.68 -14.43
CA THR B 16 14.40 9.37 -15.48
C THR B 16 13.20 10.17 -15.00
N ASN B 17 12.99 11.34 -15.59
CA ASN B 17 11.84 12.15 -15.22
C ASN B 17 10.68 11.68 -16.11
N VAL B 18 9.96 10.69 -15.63
CA VAL B 18 8.84 10.15 -16.36
C VAL B 18 7.67 11.12 -16.43
N PRO B 19 7.27 11.51 -17.65
CA PRO B 19 6.16 12.45 -17.84
C PRO B 19 4.85 11.84 -17.36
N GLU B 20 3.89 12.70 -17.03
CA GLU B 20 2.60 12.22 -16.58
C GLU B 20 1.99 11.45 -17.76
N ASN B 21 1.24 10.39 -17.47
CA ASN B 21 0.60 9.56 -18.48
C ASN B 21 1.61 8.86 -19.40
N ALA B 22 2.69 8.38 -18.80
CA ALA B 22 3.72 7.70 -19.56
C ALA B 22 4.18 6.48 -18.80
N ALA B 23 4.87 5.60 -19.49
CA ALA B 23 5.40 4.40 -18.88
C ALA B 23 6.90 4.48 -19.13
N CYS B 24 7.69 3.90 -18.23
CA CYS B 24 9.13 3.89 -18.38
C CYS B 24 9.64 2.49 -18.18
N TYR B 25 10.57 2.08 -19.05
CA TYR B 25 11.16 0.75 -18.97
C TYR B 25 12.67 0.85 -18.87
N ARG B 26 13.24 0.09 -17.94
CA ARG B 26 14.68 0.08 -17.78
C ARG B 26 15.23 -1.21 -18.35
N TYR B 27 16.11 -1.09 -19.32
CA TYR B 27 16.72 -2.25 -19.96
C TYR B 27 17.90 -2.65 -19.09
N LEU B 28 18.27 -3.92 -19.15
CA LEU B 28 19.38 -4.42 -18.35
C LEU B 28 20.71 -3.71 -18.60
N ASP B 29 20.91 -3.13 -19.77
CA ASP B 29 22.18 -2.45 -20.04
C ASP B 29 22.20 -1.11 -19.34
N GLY B 30 21.09 -0.80 -18.67
CA GLY B 30 20.98 0.45 -17.96
C GLY B 30 20.21 1.56 -18.68
N THR B 31 19.76 1.29 -19.90
CA THR B 31 19.03 2.29 -20.66
C THR B 31 17.61 2.43 -20.12
N GLU B 32 17.09 3.66 -20.13
CA GLU B 32 15.75 3.91 -19.64
C GLU B 32 15.01 4.68 -20.71
N GLU B 33 13.84 4.17 -21.07
CA GLU B 33 13.04 4.79 -22.11
C GLU B 33 11.60 4.92 -21.66
N TRP B 34 10.98 6.05 -21.97
CA TRP B 34 9.59 6.23 -21.63
C TRP B 34 8.79 6.38 -22.91
N ARG B 35 7.53 5.99 -22.85
CA ARG B 35 6.60 6.07 -23.98
C ARG B 35 5.23 6.36 -23.38
N CYS B 36 4.43 7.16 -24.07
CA CYS B 36 3.10 7.49 -23.57
C CYS B 36 2.21 6.26 -23.44
N LEU B 37 1.30 6.29 -22.47
CA LEU B 37 0.40 5.16 -22.26
C LEU B 37 -0.66 5.17 -23.35
N LEU B 38 -1.32 4.03 -23.54
CA LEU B 38 -2.37 3.96 -24.56
C LEU B 38 -3.41 5.05 -24.28
N GLY B 39 -3.77 5.79 -25.33
CA GLY B 39 -4.75 6.84 -25.18
C GLY B 39 -4.13 8.22 -25.14
N PHE B 40 -2.80 8.28 -25.18
CA PHE B 40 -2.13 9.57 -25.12
C PHE B 40 -1.11 9.75 -26.23
N LYS B 41 -0.86 10.99 -26.62
CA LYS B 41 0.09 11.28 -27.67
C LYS B 41 1.20 12.18 -27.15
N GLU B 42 2.42 11.98 -27.67
CA GLU B 42 3.54 12.78 -27.22
C GLU B 42 3.49 14.12 -27.92
N VAL B 43 3.33 15.18 -27.12
CA VAL B 43 3.27 16.53 -27.65
C VAL B 43 4.11 17.47 -26.78
N GLY B 44 5.22 17.94 -27.34
CA GLY B 44 6.07 18.85 -26.60
C GLY B 44 6.57 18.24 -25.31
N GLY B 45 7.15 17.06 -25.43
CA GLY B 45 7.69 16.38 -24.26
C GLY B 45 6.67 15.96 -23.22
N LYS B 46 5.40 15.99 -23.57
CA LYS B 46 4.38 15.58 -22.62
C LYS B 46 3.41 14.60 -23.28
N CYS B 47 2.70 13.83 -22.46
CA CYS B 47 1.74 12.89 -22.98
C CYS B 47 0.34 13.44 -22.73
N VAL B 48 -0.29 13.91 -23.81
CA VAL B 48 -1.62 14.49 -23.76
C VAL B 48 -2.69 13.56 -24.36
N PRO B 49 -3.93 13.66 -23.87
CA PRO B 49 -5.04 12.83 -24.37
C PRO B 49 -5.20 13.00 -25.88
N ALA B 50 -5.56 11.92 -26.56
CA ALA B 50 -5.72 12.01 -28.00
C ALA B 50 -6.59 10.89 -28.54
N SER B 51 -7.22 11.15 -29.67
CA SER B 51 -8.05 10.16 -30.32
C SER B 51 -7.01 9.31 -31.00
N ILE B 52 -7.02 8.01 -30.73
CA ILE B 52 -6.02 7.16 -31.37
C ILE B 52 -6.59 6.14 -32.34
N THR B 53 -5.77 5.81 -33.33
CA THR B 53 -6.13 4.83 -34.36
C THR B 53 -4.90 3.96 -34.55
N CYS B 54 -5.11 2.76 -35.08
CA CYS B 54 -3.99 1.89 -35.32
C CYS B 54 -3.13 2.40 -36.47
N GLU B 55 -3.76 3.07 -37.44
CA GLU B 55 -3.04 3.61 -38.60
C GLU B 55 -1.95 4.63 -38.29
N GLU B 56 -1.97 5.20 -37.09
CA GLU B 56 -0.97 6.18 -36.71
C GLU B 56 -0.21 5.74 -35.46
N ASN B 57 1.11 5.73 -35.56
CA ASN B 57 1.97 5.35 -34.45
C ASN B 57 1.56 3.96 -33.94
N ASN B 58 1.23 3.07 -34.87
CA ASN B 58 0.81 1.71 -34.52
C ASN B 58 -0.15 1.72 -33.34
N GLY B 59 -0.98 2.76 -33.27
CA GLY B 59 -1.94 2.86 -32.19
C GLY B 59 -1.32 3.11 -30.84
N GLY B 60 -0.01 3.39 -30.81
CA GLY B 60 0.66 3.63 -29.55
C GLY B 60 1.28 2.36 -29.02
N CYS B 61 1.03 1.26 -29.72
CA CYS B 61 1.55 -0.06 -29.36
C CYS B 61 3.03 -0.09 -29.66
N ALA B 62 3.76 -0.97 -28.98
CA ALA B 62 5.19 -1.11 -29.22
C ALA B 62 5.36 -1.34 -30.71
N PRO B 63 6.50 -0.92 -31.27
CA PRO B 63 6.76 -1.10 -32.70
C PRO B 63 6.64 -2.55 -33.16
N GLU B 64 7.04 -3.48 -32.29
CA GLU B 64 7.01 -4.89 -32.61
C GLU B 64 5.67 -5.55 -32.30
N ALA B 65 4.70 -4.78 -31.85
CA ALA B 65 3.40 -5.34 -31.49
C ALA B 65 2.32 -5.19 -32.58
N GLU B 66 1.24 -5.96 -32.45
CA GLU B 66 0.15 -5.90 -33.39
C GLU B 66 -0.96 -5.06 -32.80
N CYS B 67 -1.41 -4.07 -33.57
CA CYS B 67 -2.46 -3.17 -33.13
C CYS B 67 -3.81 -3.55 -33.70
N THR B 68 -4.85 -3.54 -32.86
CA THR B 68 -6.23 -3.82 -33.30
C THR B 68 -7.24 -2.99 -32.51
N MET B 69 -8.47 -2.94 -33.02
CA MET B 69 -9.60 -2.21 -32.41
C MET B 69 -10.72 -3.20 -32.09
N ASP B 70 -11.04 -3.36 -30.80
CA ASP B 70 -12.11 -4.29 -30.38
C ASP B 70 -13.50 -3.67 -30.45
N ASP B 71 -14.43 -4.31 -29.75
CA ASP B 71 -15.82 -3.86 -29.72
C ASP B 71 -16.06 -2.49 -29.04
N LYS B 72 -15.33 -2.23 -27.96
CA LYS B 72 -15.42 -0.98 -27.20
C LYS B 72 -14.73 0.26 -27.86
N LYS B 73 -14.16 0.08 -29.06
CA LYS B 73 -13.43 1.15 -29.73
C LYS B 73 -12.23 1.49 -28.83
N GLU B 74 -11.56 0.45 -28.37
CA GLU B 74 -10.39 0.61 -27.51
C GLU B 74 -9.23 -0.19 -28.09
N VAL B 75 -8.05 0.44 -28.15
CA VAL B 75 -6.84 -0.16 -28.74
C VAL B 75 -6.42 -1.39 -27.99
N GLU B 76 -5.90 -2.38 -28.70
CA GLU B 76 -5.43 -3.61 -28.08
C GLU B 76 -4.10 -3.96 -28.69
N CYS B 77 -3.08 -4.15 -27.86
CA CYS B 77 -1.76 -4.48 -28.38
C CYS B 77 -1.35 -5.88 -28.00
N LYS B 78 -0.79 -6.60 -28.95
CA LYS B 78 -0.33 -7.95 -28.70
C LYS B 78 1.08 -8.14 -29.20
N CYS B 79 1.89 -8.82 -28.39
CA CYS B 79 3.25 -9.10 -28.75
C CYS B 79 3.23 -10.52 -29.27
N THR B 80 2.83 -10.66 -30.53
CA THR B 80 2.73 -11.96 -31.20
C THR B 80 3.94 -12.87 -31.06
N LYS B 81 5.13 -12.27 -31.07
CA LYS B 81 6.35 -13.06 -30.95
C LYS B 81 6.25 -13.95 -29.73
N GLU B 82 6.50 -15.24 -29.91
CA GLU B 82 6.46 -16.19 -28.80
C GLU B 82 7.56 -15.86 -27.81
N GLY B 83 7.23 -15.84 -26.52
CA GLY B 83 8.23 -15.55 -25.53
C GLY B 83 8.20 -14.14 -24.95
N SER B 84 7.77 -13.18 -25.75
CA SER B 84 7.69 -11.79 -25.30
C SER B 84 6.27 -11.47 -24.88
N GLU B 85 6.12 -10.80 -23.75
CA GLU B 85 4.79 -10.44 -23.28
C GLU B 85 4.61 -8.94 -23.22
N PRO B 86 3.36 -8.47 -23.27
CA PRO B 86 3.07 -7.03 -23.22
C PRO B 86 3.35 -6.41 -21.85
N LEU B 87 3.86 -5.19 -21.87
CA LEU B 87 4.14 -4.43 -20.65
C LEU B 87 3.33 -3.16 -20.83
N PHE B 88 2.73 -2.65 -19.77
CA PHE B 88 1.90 -1.45 -19.85
C PHE B 88 0.91 -1.58 -21.00
N GLU B 89 0.09 -2.62 -20.93
CA GLU B 89 -0.93 -2.89 -21.93
C GLU B 89 -0.39 -3.03 -23.36
N GLY B 90 0.91 -3.26 -23.48
CA GLY B 90 1.48 -3.40 -24.81
C GLY B 90 2.24 -2.20 -25.33
N VAL B 91 2.42 -1.18 -24.50
CA VAL B 91 3.17 -0.02 -24.95
C VAL B 91 4.62 -0.50 -25.09
N PHE B 92 4.92 -1.60 -24.41
CA PHE B 92 6.24 -2.22 -24.42
C PHE B 92 6.08 -3.73 -24.58
N CYS B 93 6.97 -4.37 -25.34
CA CYS B 93 6.95 -5.82 -25.50
C CYS B 93 8.27 -6.33 -24.95
N SER B 94 8.24 -7.30 -24.03
CA SER B 94 9.49 -7.85 -23.50
C SER B 94 10.24 -8.55 -24.64
N SER B 95 11.51 -8.87 -24.45
CA SER B 95 12.27 -9.55 -25.50
C SER B 95 12.27 -11.05 -25.25
N SER B 96 12.00 -11.86 -26.25
CA SER B 96 12.05 -13.31 -26.03
C SER B 96 13.40 -13.85 -26.56
N SER B 97 13.52 -15.18 -26.60
CA SER B 97 14.69 -15.86 -27.15
C SER B 97 14.28 -17.22 -27.72
N GLY B 98 14.80 -17.54 -28.91
CA GLY B 98 14.49 -18.79 -29.58
C GLY B 98 14.32 -20.04 -28.73
N PRO B 99 15.27 -20.99 -28.80
CA PRO B 99 15.25 -22.25 -28.05
C PRO B 99 15.02 -22.04 -26.56
N HIS B 100 15.94 -21.34 -25.93
CA HIS B 100 15.86 -21.05 -24.51
C HIS B 100 15.69 -19.54 -24.29
N SER C 9 -4.92 1.52 -3.38
CA SER C 9 -5.61 2.15 -2.22
C SER C 9 -6.55 1.17 -1.54
N ALA C 10 -7.58 0.73 -2.28
CA ALA C 10 -8.55 -0.21 -1.73
C ALA C 10 -7.81 -1.50 -1.42
N HIS C 11 -6.64 -1.65 -2.03
CA HIS C 11 -5.81 -2.84 -1.83
C HIS C 11 -4.72 -2.67 -0.76
N LYS C 12 -4.67 -1.49 -0.14
CA LYS C 12 -3.69 -1.21 0.91
C LYS C 12 -4.15 -1.75 2.25
N CYS C 13 -3.30 -2.52 2.91
CA CYS C 13 -3.67 -3.11 4.20
C CYS C 13 -3.92 -2.06 5.28
N ILE C 14 -4.88 -2.36 6.15
CA ILE C 14 -5.29 -1.47 7.22
C ILE C 14 -5.54 -2.20 8.54
N ASP C 15 -5.56 -3.52 8.50
CA ASP C 15 -5.80 -4.30 9.71
C ASP C 15 -4.60 -5.12 10.13
N THR C 16 -3.57 -5.11 9.30
CA THR C 16 -2.42 -5.95 9.58
C THR C 16 -1.14 -5.25 10.00
N ASN C 17 -0.50 -5.79 11.04
CA ASN C 17 0.78 -5.26 11.47
C ASN C 17 1.76 -6.10 10.66
N VAL C 18 2.15 -5.55 9.52
CA VAL C 18 3.03 -6.18 8.56
C VAL C 18 4.46 -6.36 9.04
N PRO C 19 5.01 -7.58 8.98
CA PRO C 19 6.39 -7.83 9.43
C PRO C 19 7.35 -7.06 8.53
N GLU C 20 8.53 -6.72 9.06
CA GLU C 20 9.53 -6.00 8.25
C GLU C 20 9.99 -6.90 7.11
N ASN C 21 10.17 -6.32 5.92
CA ASN C 21 10.62 -7.06 4.72
C ASN C 21 9.52 -7.91 4.15
N ALA C 22 8.29 -7.44 4.30
CA ALA C 22 7.14 -8.16 3.80
C ALA C 22 6.23 -7.19 3.04
N ALA C 23 5.33 -7.76 2.26
CA ALA C 23 4.38 -6.98 1.50
C ALA C 23 3.01 -7.45 1.96
N CYS C 24 2.05 -6.55 1.94
CA CYS C 24 0.70 -6.90 2.35
C CYS C 24 -0.29 -6.46 1.29
N TYR C 25 -1.26 -7.32 1.00
CA TYR C 25 -2.28 -7.05 0.01
C TYR C 25 -3.67 -7.20 0.63
N ARG C 26 -4.52 -6.20 0.39
CA ARG C 26 -5.88 -6.25 0.91
C ARG C 26 -6.79 -6.59 -0.26
N TYR C 27 -7.53 -7.68 -0.13
CA TYR C 27 -8.45 -8.08 -1.18
C TYR C 27 -9.75 -7.32 -0.96
N LEU C 28 -10.53 -7.13 -2.02
CA LEU C 28 -11.78 -6.41 -1.90
C LEU C 28 -12.81 -6.98 -0.91
N ASP C 29 -12.71 -8.27 -0.60
CA ASP C 29 -13.65 -8.86 0.35
C ASP C 29 -13.25 -8.50 1.78
N GLY C 30 -12.19 -7.69 1.91
CA GLY C 30 -11.70 -7.26 3.20
C GLY C 30 -10.55 -8.08 3.75
N THR C 31 -10.21 -9.18 3.09
CA THR C 31 -9.14 -10.06 3.53
C THR C 31 -7.76 -9.44 3.30
N GLU C 32 -6.86 -9.61 4.26
CA GLU C 32 -5.51 -9.11 4.11
C GLU C 32 -4.50 -10.25 4.22
N GLU C 33 -3.49 -10.22 3.35
CA GLU C 33 -2.49 -11.27 3.34
C GLU C 33 -1.10 -10.63 3.18
N TRP C 34 -0.11 -11.13 3.92
CA TRP C 34 1.23 -10.59 3.77
C TRP C 34 2.13 -11.73 3.34
N ARG C 35 3.18 -11.39 2.62
CA ARG C 35 4.15 -12.36 2.13
C ARG C 35 5.48 -11.64 2.17
N CYS C 36 6.57 -12.39 2.21
CA CYS C 36 7.87 -11.77 2.24
C CYS C 36 8.24 -11.19 0.88
N LEU C 37 9.05 -10.15 0.88
CA LEU C 37 9.49 -9.54 -0.38
C LEU C 37 10.52 -10.48 -0.99
N LEU C 38 10.74 -10.34 -2.29
CA LEU C 38 11.73 -11.17 -2.99
C LEU C 38 13.08 -11.01 -2.31
N GLY C 39 13.73 -12.12 -2.02
CA GLY C 39 15.02 -12.06 -1.37
C GLY C 39 14.93 -12.42 0.10
N PHE C 40 13.71 -12.57 0.61
CA PHE C 40 13.50 -12.91 2.02
C PHE C 40 12.67 -14.17 2.19
N LYS C 41 12.96 -14.91 3.26
CA LYS C 41 12.22 -16.15 3.54
C LYS C 41 11.57 -16.06 4.89
N GLU C 42 10.36 -16.63 5.01
CA GLU C 42 9.61 -16.62 6.29
C GLU C 42 10.18 -17.62 7.26
N VAL C 43 10.70 -17.11 8.38
CA VAL C 43 11.29 -17.94 9.43
C VAL C 43 10.78 -17.46 10.76
N GLY C 44 9.91 -18.25 11.39
CA GLY C 44 9.39 -17.84 12.68
C GLY C 44 8.62 -16.54 12.61
N GLY C 45 7.63 -16.46 11.73
CA GLY C 45 6.83 -15.26 11.62
C GLY C 45 7.57 -14.02 11.17
N LYS C 46 8.81 -14.18 10.71
CA LYS C 46 9.60 -13.04 10.26
C LYS C 46 10.23 -13.28 8.91
N CYS C 47 10.40 -12.21 8.15
CA CYS C 47 11.02 -12.32 6.83
C CYS C 47 12.49 -12.00 6.94
N VAL C 48 13.32 -13.03 6.84
CA VAL C 48 14.77 -12.92 6.97
C VAL C 48 15.45 -13.08 5.60
N PRO C 49 16.68 -12.53 5.45
CA PRO C 49 17.44 -12.62 4.19
C PRO C 49 17.71 -14.08 3.86
N ALA C 50 17.67 -14.43 2.57
CA ALA C 50 17.92 -15.80 2.14
C ALA C 50 18.41 -15.91 0.69
N SER C 51 19.10 -17.00 0.39
CA SER C 51 19.59 -17.25 -0.95
C SER C 51 18.46 -18.03 -1.59
N ILE C 52 17.81 -17.42 -2.59
CA ILE C 52 16.66 -18.06 -3.22
C ILE C 52 16.88 -18.84 -4.51
N THR C 53 15.91 -19.71 -4.80
CA THR C 53 15.91 -20.55 -5.98
C THR C 53 14.47 -20.75 -6.45
N CYS C 54 14.23 -20.53 -7.74
CA CYS C 54 12.89 -20.71 -8.29
C CYS C 54 12.32 -22.06 -7.94
N GLU C 55 13.17 -22.98 -7.50
CA GLU C 55 12.74 -24.34 -7.18
C GLU C 55 11.81 -24.45 -5.96
N GLU C 56 11.99 -23.55 -5.01
CA GLU C 56 11.22 -23.55 -3.76
C GLU C 56 10.30 -22.33 -3.64
N ASN C 57 9.08 -22.57 -3.15
CA ASN C 57 8.09 -21.50 -2.99
C ASN C 57 8.06 -20.64 -4.25
N ASN C 58 8.40 -21.25 -5.37
CA ASN C 58 8.42 -20.56 -6.64
C ASN C 58 9.28 -19.29 -6.61
N GLY C 59 10.43 -19.40 -5.94
CA GLY C 59 11.35 -18.28 -5.85
C GLY C 59 10.82 -17.12 -5.04
N GLY C 60 9.67 -17.32 -4.41
CA GLY C 60 9.08 -16.26 -3.62
C GLY C 60 8.04 -15.53 -4.44
N CYS C 61 7.94 -15.89 -5.70
CA CYS C 61 6.96 -15.28 -6.61
C CYS C 61 5.57 -15.76 -6.22
N ALA C 62 4.56 -15.02 -6.65
CA ALA C 62 3.19 -15.41 -6.37
C ALA C 62 2.99 -16.79 -6.97
N PRO C 63 2.09 -17.60 -6.38
CA PRO C 63 1.82 -18.96 -6.88
C PRO C 63 1.44 -19.02 -8.37
N GLU C 64 0.76 -17.99 -8.85
CA GLU C 64 0.34 -17.93 -10.25
C GLU C 64 1.31 -17.17 -11.14
N ALA C 65 2.54 -17.01 -10.68
CA ALA C 65 3.53 -16.28 -11.48
C ALA C 65 4.64 -17.21 -11.94
N GLU C 66 5.34 -16.77 -12.98
CA GLU C 66 6.44 -17.55 -13.54
C GLU C 66 7.74 -16.98 -12.96
N CYS C 67 8.57 -17.89 -12.45
CA CYS C 67 9.84 -17.54 -11.83
C CYS C 67 11.02 -17.84 -12.74
N THR C 68 11.99 -16.94 -12.71
CA THR C 68 13.22 -17.08 -13.48
C THR C 68 14.39 -16.50 -12.68
N MET C 69 15.45 -17.27 -12.55
CA MET C 69 16.62 -16.77 -11.87
C MET C 69 17.58 -16.38 -13.01
N ASP C 70 18.81 -16.06 -12.67
CA ASP C 70 19.80 -15.70 -13.68
C ASP C 70 21.24 -15.81 -13.24
N ASP C 71 22.15 -15.75 -14.22
CA ASP C 71 23.60 -15.83 -14.00
C ASP C 71 23.98 -14.83 -12.91
N LYS C 72 23.18 -13.76 -12.81
CA LYS C 72 23.41 -12.70 -11.85
C LYS C 72 22.81 -13.05 -10.48
N LYS C 73 22.22 -14.24 -10.38
CA LYS C 73 21.61 -14.74 -9.16
C LYS C 73 20.44 -13.95 -8.57
N GLU C 74 19.84 -13.05 -9.36
CA GLU C 74 18.69 -12.25 -8.90
C GLU C 74 17.41 -12.82 -9.52
N VAL C 75 16.29 -12.70 -8.82
CA VAL C 75 15.03 -13.28 -9.31
C VAL C 75 14.04 -12.34 -9.94
N GLU C 76 13.28 -12.85 -10.89
CA GLU C 76 12.28 -12.03 -11.54
C GLU C 76 10.95 -12.82 -11.62
N CYS C 77 9.82 -12.15 -11.37
CA CYS C 77 8.52 -12.79 -11.40
C CYS C 77 7.63 -12.15 -12.45
N LYS C 78 6.90 -12.97 -13.19
CA LYS C 78 6.02 -12.43 -14.21
C LYS C 78 4.65 -13.10 -14.13
N CYS C 79 3.62 -12.27 -14.19
CA CYS C 79 2.24 -12.74 -14.14
C CYS C 79 1.82 -12.86 -15.61
N THR C 80 2.05 -14.06 -16.16
CA THR C 80 1.74 -14.37 -17.55
C THR C 80 0.29 -14.13 -17.97
N LYS C 81 -0.66 -14.43 -17.09
CA LYS C 81 -2.06 -14.24 -17.44
C LYS C 81 -2.32 -12.82 -17.94
N GLU C 82 -2.93 -12.70 -19.10
CA GLU C 82 -3.23 -11.39 -19.67
C GLU C 82 -4.30 -10.72 -18.84
N GLY C 83 -3.97 -9.55 -18.30
CA GLY C 83 -4.93 -8.84 -17.48
C GLY C 83 -4.52 -8.71 -16.03
N SER C 84 -3.56 -9.53 -15.61
CA SER C 84 -3.09 -9.46 -14.24
C SER C 84 -1.69 -8.87 -14.23
N GLU C 85 -1.48 -7.90 -13.34
CA GLU C 85 -0.18 -7.25 -13.23
C GLU C 85 0.53 -7.61 -11.93
N PRO C 86 1.86 -7.50 -11.93
CA PRO C 86 2.66 -7.82 -10.74
C PRO C 86 2.68 -6.72 -9.70
N LEU C 87 2.57 -7.11 -8.43
CA LEU C 87 2.62 -6.19 -7.32
C LEU C 87 3.79 -6.60 -6.44
N PHE C 88 4.56 -5.61 -5.98
CA PHE C 88 5.73 -5.87 -5.14
C PHE C 88 6.69 -6.78 -5.91
N GLU C 89 7.04 -6.35 -7.13
CA GLU C 89 7.94 -7.10 -7.99
C GLU C 89 7.42 -8.52 -8.31
N GLY C 90 6.11 -8.71 -8.20
CA GLY C 90 5.56 -10.02 -8.49
C GLY C 90 5.34 -10.96 -7.30
N VAL C 91 5.48 -10.45 -6.08
CA VAL C 91 5.24 -11.31 -4.92
C VAL C 91 3.72 -11.54 -4.93
N PHE C 92 3.03 -10.64 -5.63
CA PHE C 92 1.58 -10.71 -5.76
C PHE C 92 1.19 -10.45 -7.23
N CYS C 93 0.17 -11.15 -7.72
CA CYS C 93 -0.30 -10.95 -9.08
C CYS C 93 -1.76 -10.53 -8.99
N SER C 94 -2.15 -9.47 -9.68
CA SER C 94 -3.55 -9.06 -9.57
C SER C 94 -4.48 -10.12 -10.18
N SER C 95 -5.78 -9.92 -10.09
CA SER C 95 -6.73 -10.87 -10.67
C SER C 95 -7.16 -10.34 -12.02
N SER C 96 -7.16 -11.22 -13.02
CA SER C 96 -7.58 -10.81 -14.35
C SER C 96 -9.09 -10.66 -14.36
N SER C 97 -9.55 -9.73 -15.16
CA SER C 97 -10.97 -9.47 -15.29
C SER C 97 -11.66 -10.45 -16.24
N GLY C 98 -10.87 -11.31 -16.88
CA GLY C 98 -11.42 -12.29 -17.79
C GLY C 98 -11.26 -11.94 -19.26
N PRO C 99 -12.15 -12.43 -20.13
CA PRO C 99 -12.00 -12.10 -21.54
C PRO C 99 -12.48 -10.72 -22.06
N HIS C 100 -13.58 -10.19 -21.51
CA HIS C 100 -14.11 -8.92 -22.01
C HIS C 100 -13.85 -7.61 -21.27
N HIS C 101 -13.77 -7.70 -19.95
CA HIS C 101 -13.60 -6.48 -19.14
C HIS C 101 -12.15 -5.97 -18.96
N SER D 8 -18.14 -0.56 18.45
CA SER D 8 -17.25 -0.10 17.33
C SER D 8 -16.29 0.96 17.83
N SER D 9 -16.24 1.11 19.16
CA SER D 9 -15.36 2.07 19.82
C SER D 9 -13.96 1.96 19.24
N ALA D 10 -13.56 0.72 18.98
CA ALA D 10 -12.26 0.40 18.41
C ALA D 10 -11.92 1.25 17.19
N HIS D 11 -12.96 1.74 16.52
CA HIS D 11 -12.79 2.59 15.35
C HIS D 11 -12.83 4.08 15.66
N LYS D 12 -12.94 4.47 16.94
CA LYS D 12 -12.96 5.90 17.34
C LYS D 12 -11.51 6.34 17.50
N CYS D 13 -11.17 7.51 16.98
CA CYS D 13 -9.81 8.03 17.09
C CYS D 13 -9.53 8.46 18.52
N ILE D 14 -8.30 8.27 18.97
CA ILE D 14 -7.91 8.62 20.33
C ILE D 14 -6.66 9.49 20.38
N ASP D 15 -5.92 9.54 19.28
CA ASP D 15 -4.67 10.28 19.25
C ASP D 15 -4.54 11.26 18.09
N THR D 16 -5.68 11.74 17.59
CA THR D 16 -5.68 12.66 16.47
C THR D 16 -6.32 14.01 16.75
N ASN D 17 -5.60 15.06 16.39
CA ASN D 17 -6.11 16.42 16.56
C ASN D 17 -7.01 16.64 15.35
N VAL D 18 -8.27 16.24 15.49
CA VAL D 18 -9.23 16.35 14.42
C VAL D 18 -9.63 17.80 14.12
N PRO D 19 -9.44 18.24 12.86
CA PRO D 19 -9.81 19.61 12.48
C PRO D 19 -11.32 19.79 12.60
N GLU D 20 -11.75 21.04 12.74
CA GLU D 20 -13.16 21.35 12.85
C GLU D 20 -13.80 21.04 11.50
N ASN D 21 -15.00 20.45 11.51
CA ASN D 21 -15.72 20.06 10.31
C ASN D 21 -15.06 18.88 9.59
N ALA D 22 -14.56 17.94 10.38
CA ALA D 22 -13.90 16.76 9.82
C ALA D 22 -14.34 15.55 10.62
N ALA D 23 -14.10 14.37 10.06
CA ALA D 23 -14.42 13.10 10.72
C ALA D 23 -13.10 12.36 10.79
N CYS D 24 -12.97 11.49 11.78
CA CYS D 24 -11.76 10.73 11.95
C CYS D 24 -12.13 9.27 12.13
N TYR D 25 -11.33 8.38 11.54
CA TYR D 25 -11.57 6.95 11.64
C TYR D 25 -10.30 6.26 12.08
N ARG D 26 -10.43 5.36 13.06
CA ARG D 26 -9.28 4.61 13.57
C ARG D 26 -9.32 3.17 13.07
N TYR D 27 -8.29 2.77 12.35
CA TYR D 27 -8.21 1.41 11.80
C TYR D 27 -7.63 0.42 12.80
N LEU D 28 -7.96 -0.85 12.63
CA LEU D 28 -7.49 -1.90 13.53
C LEU D 28 -5.99 -1.97 13.70
N ASP D 29 -5.23 -1.50 12.72
CA ASP D 29 -3.79 -1.56 12.86
C ASP D 29 -3.28 -0.36 13.64
N GLY D 30 -4.19 0.47 14.13
CA GLY D 30 -3.79 1.62 14.92
C GLY D 30 -3.71 2.94 14.17
N THR D 31 -3.80 2.87 12.86
CA THR D 31 -3.73 4.08 12.04
C THR D 31 -5.00 4.92 12.20
N GLU D 32 -4.83 6.24 12.16
CA GLU D 32 -5.96 7.15 12.28
C GLU D 32 -5.97 8.13 11.13
N GLU D 33 -7.13 8.29 10.52
CA GLU D 33 -7.23 9.21 9.40
C GLU D 33 -8.46 10.10 9.52
N TRP D 34 -8.28 11.38 9.20
CA TRP D 34 -9.40 12.31 9.23
C TRP D 34 -9.68 12.79 7.81
N ARG D 35 -10.95 13.05 7.54
CA ARG D 35 -11.41 13.54 6.24
C ARG D 35 -12.46 14.61 6.53
N CYS D 36 -12.57 15.62 5.67
CA CYS D 36 -13.57 16.67 5.89
C CYS D 36 -14.97 16.08 5.72
N LEU D 37 -15.94 16.67 6.42
CA LEU D 37 -17.31 16.20 6.32
C LEU D 37 -17.90 16.75 5.01
N LEU D 38 -18.91 16.07 4.48
CA LEU D 38 -19.53 16.54 3.24
C LEU D 38 -19.80 18.03 3.37
N GLY D 39 -19.66 18.73 2.25
CA GLY D 39 -19.88 20.15 2.24
C GLY D 39 -18.65 20.94 2.62
N PHE D 40 -17.56 20.25 2.91
CA PHE D 40 -16.34 20.94 3.28
C PHE D 40 -15.15 20.49 2.48
N LYS D 41 -14.25 21.43 2.21
CA LYS D 41 -13.06 21.13 1.42
C LYS D 41 -11.82 21.40 2.24
N GLU D 42 -10.82 20.54 2.06
CA GLU D 42 -9.57 20.67 2.78
C GLU D 42 -8.71 21.80 2.20
N VAL D 43 -8.51 22.84 2.98
CA VAL D 43 -7.72 23.97 2.55
C VAL D 43 -6.77 24.38 3.66
N GLY D 44 -5.47 24.19 3.43
CA GLY D 44 -4.48 24.56 4.42
C GLY D 44 -4.69 23.87 5.76
N GLY D 45 -4.78 22.54 5.72
CA GLY D 45 -4.96 21.77 6.93
C GLY D 45 -6.28 22.00 7.66
N LYS D 46 -7.22 22.66 7.01
CA LYS D 46 -8.50 22.90 7.63
C LYS D 46 -9.65 22.56 6.69
N CYS D 47 -10.82 22.35 7.27
CA CYS D 47 -12.00 22.02 6.49
C CYS D 47 -12.91 23.24 6.44
N VAL D 48 -12.92 23.89 5.27
CA VAL D 48 -13.70 25.09 5.04
C VAL D 48 -14.89 24.85 4.12
N PRO D 49 -16.02 25.55 4.36
CA PRO D 49 -17.23 25.41 3.55
C PRO D 49 -16.93 25.52 2.06
N ALA D 50 -17.63 24.74 1.24
CA ALA D 50 -17.39 24.79 -0.19
C ALA D 50 -18.53 24.23 -1.03
N SER D 51 -18.56 24.67 -2.28
CA SER D 51 -19.55 24.22 -3.25
C SER D 51 -19.00 22.90 -3.75
N ILE D 52 -19.73 21.81 -3.51
CA ILE D 52 -19.24 20.50 -3.91
C ILE D 52 -19.90 19.88 -5.14
N THR D 53 -19.09 19.13 -5.88
CA THR D 53 -19.53 18.45 -7.09
C THR D 53 -19.05 17.00 -7.05
N CYS D 54 -19.86 16.08 -7.57
CA CYS D 54 -19.48 14.70 -7.61
C CYS D 54 -18.26 14.53 -8.51
N GLU D 55 -18.11 15.44 -9.47
CA GLU D 55 -16.99 15.37 -10.40
C GLU D 55 -15.63 15.52 -9.74
N GLU D 56 -15.56 16.35 -8.69
CA GLU D 56 -14.30 16.57 -7.98
C GLU D 56 -14.25 15.88 -6.61
N ASN D 57 -13.12 15.25 -6.31
CA ASN D 57 -12.93 14.55 -5.04
C ASN D 57 -14.13 13.65 -4.74
N ASN D 58 -14.75 13.12 -5.79
CA ASN D 58 -15.91 12.24 -5.66
C ASN D 58 -16.93 12.83 -4.71
N GLY D 59 -17.17 14.12 -4.85
CA GLY D 59 -18.13 14.81 -4.00
C GLY D 59 -17.82 14.78 -2.52
N GLY D 60 -16.62 14.33 -2.16
CA GLY D 60 -16.26 14.27 -0.76
C GLY D 60 -16.56 12.90 -0.18
N CYS D 61 -17.18 12.06 -1.01
CA CYS D 61 -17.50 10.70 -0.59
C CYS D 61 -16.22 9.89 -0.52
N ALA D 62 -16.29 8.76 0.18
CA ALA D 62 -15.13 7.88 0.29
C ALA D 62 -14.74 7.45 -1.11
N PRO D 63 -13.45 7.17 -1.34
CA PRO D 63 -13.02 6.76 -2.67
C PRO D 63 -13.81 5.54 -3.16
N GLU D 64 -14.15 4.66 -2.22
CA GLU D 64 -14.89 3.45 -2.54
C GLU D 64 -16.40 3.62 -2.49
N ALA D 65 -16.88 4.84 -2.62
CA ALA D 65 -18.31 5.07 -2.58
C ALA D 65 -18.81 5.70 -3.86
N GLU D 66 -20.11 5.64 -4.07
CA GLU D 66 -20.73 6.20 -5.27
C GLU D 66 -21.34 7.55 -4.91
N CYS D 67 -21.02 8.57 -5.69
CA CYS D 67 -21.52 9.94 -5.46
C CYS D 67 -22.70 10.27 -6.38
N THR D 68 -23.72 10.93 -5.83
CA THR D 68 -24.91 11.28 -6.61
C THR D 68 -25.55 12.61 -6.16
N MET D 69 -26.17 13.35 -7.08
CA MET D 69 -26.85 14.61 -6.74
C MET D 69 -28.35 14.44 -6.88
N ASP D 70 -29.10 14.74 -5.82
CA ASP D 70 -30.55 14.62 -5.87
C ASP D 70 -31.13 15.88 -6.49
N ASP D 71 -32.42 15.85 -6.78
CA ASP D 71 -33.07 17.02 -7.36
C ASP D 71 -32.92 18.18 -6.40
N LYS D 72 -32.71 17.84 -5.13
CA LYS D 72 -32.56 18.85 -4.08
C LYS D 72 -31.14 19.42 -4.00
N LYS D 73 -30.33 19.17 -5.04
CA LYS D 73 -28.94 19.64 -5.12
C LYS D 73 -28.12 19.21 -3.91
N GLU D 74 -28.51 18.08 -3.32
CA GLU D 74 -27.82 17.56 -2.15
C GLU D 74 -27.02 16.29 -2.48
N VAL D 75 -25.78 16.24 -2.00
CA VAL D 75 -24.89 15.10 -2.23
C VAL D 75 -25.18 13.87 -1.36
N GLU D 76 -25.25 12.70 -1.99
CA GLU D 76 -25.47 11.45 -1.28
C GLU D 76 -24.33 10.45 -1.56
N CYS D 77 -23.81 9.78 -0.51
CA CYS D 77 -22.73 8.81 -0.69
C CYS D 77 -23.24 7.43 -0.35
N LYS D 78 -22.96 6.45 -1.21
CA LYS D 78 -23.40 5.08 -0.99
C LYS D 78 -22.30 4.03 -1.06
N CYS D 79 -22.28 3.15 -0.06
CA CYS D 79 -21.26 2.10 -0.01
C CYS D 79 -21.96 0.84 -0.58
N THR D 80 -21.91 0.77 -1.90
CA THR D 80 -22.45 -0.29 -2.74
C THR D 80 -21.92 -1.66 -2.38
N LYS D 81 -20.71 -1.67 -1.84
CA LYS D 81 -20.08 -2.93 -1.46
C LYS D 81 -21.00 -3.65 -0.48
N GLU D 82 -21.06 -4.96 -0.65
CA GLU D 82 -21.89 -5.77 0.24
C GLU D 82 -21.23 -5.97 1.59
N GLY D 83 -21.93 -5.54 2.64
CA GLY D 83 -21.40 -5.66 3.98
C GLY D 83 -20.95 -4.31 4.48
N SER D 84 -20.43 -3.51 3.55
CA SER D 84 -19.92 -2.18 3.86
C SER D 84 -21.05 -1.20 4.17
N GLU D 85 -20.78 -0.25 5.08
CA GLU D 85 -21.76 0.75 5.47
C GLU D 85 -21.15 2.15 5.51
N PRO D 86 -21.99 3.18 5.34
CA PRO D 86 -21.56 4.58 5.35
C PRO D 86 -21.42 5.28 6.69
N LEU D 87 -20.18 5.55 7.07
CA LEU D 87 -19.91 6.27 8.31
C LEU D 87 -19.80 7.74 7.93
N PHE D 88 -20.23 8.62 8.84
CA PHE D 88 -20.18 10.06 8.61
C PHE D 88 -20.77 10.38 7.24
N GLU D 89 -22.01 9.94 7.05
CA GLU D 89 -22.73 10.16 5.81
C GLU D 89 -22.02 9.65 4.56
N GLY D 90 -21.08 8.72 4.75
CA GLY D 90 -20.37 8.19 3.60
C GLY D 90 -19.00 8.77 3.33
N VAL D 91 -18.51 9.63 4.23
CA VAL D 91 -17.17 10.18 4.07
C VAL D 91 -16.22 8.99 4.25
N PHE D 92 -16.72 7.96 4.94
CA PHE D 92 -15.98 6.73 5.20
C PHE D 92 -16.89 5.53 4.93
N CYS D 93 -16.32 4.46 4.38
CA CYS D 93 -17.10 3.25 4.12
C CYS D 93 -16.43 2.20 4.99
N SER D 94 -17.21 1.62 5.90
CA SER D 94 -16.71 0.58 6.82
C SER D 94 -16.66 -0.81 6.23
N1 IMD E . 14.20 -15.18 -20.78
C2 IMD E . 13.62 -14.00 -20.89
N3 IMD E . 12.79 -14.01 -21.96
C4 IMD E . 12.84 -15.25 -22.53
C5 IMD E . 13.71 -16.01 -21.82
N HIS F . -2.40 -17.03 4.39
CA HIS F . -1.02 -17.03 4.86
C HIS F . -0.48 -18.45 5.08
O HIS F . -0.91 -19.17 5.99
CB HIS F . -0.92 -16.21 6.16
CG HIS F . 0.49 -16.06 6.67
ND1 HIS F . 1.51 -15.57 5.86
CD2 HIS F . 1.04 -16.32 7.87
CE1 HIS F . 2.63 -15.56 6.56
NE2 HIS F . 2.38 -16.01 7.77
N1 IMD G . -4.99 14.07 6.47
C2 IMD G . -5.87 14.61 5.64
N3 IMD G . -5.26 15.60 4.93
C4 IMD G . -3.96 15.67 5.33
C5 IMD G . -3.76 14.73 6.29
#